data_6HA0
#
_entry.id   6HA0
#
_cell.length_a   38.739
_cell.length_b   54.641
_cell.length_c   67.944
_cell.angle_alpha   90.000
_cell.angle_beta   97.730
_cell.angle_gamma   90.000
#
_symmetry.space_group_name_H-M   'P 1 21 1'
#
loop_
_entity.id
_entity.type
_entity.pdbx_description
1 polymer 'Outer capsid protein VP4'
2 branched alpha-L-fucopyranose-(1-2)-beta-D-galactopyranose-(1-3)-2-acetamido-2-deoxy-beta-D-glucopyranose
3 water water
#
_entity_poly.entity_id   1
_entity_poly.type   'polypeptide(L)'
_entity_poly.pdbx_seq_one_letter_code
;GSMLDGPYQPTTFTPPSDYWILINSNTNGVVYESTNNSDFWTAVIAVEPHVDPVDRQYNVFGENKQFNVRNDSDKWKFLE
MFRGSSQNDFYNRRTLTSNTRLVGILKYGGRIWTFHGETPRATTDSSNTANLNGISITIHSEFYIIPRSQESKCNEYINN
GL
;
_entity_poly.pdbx_strand_id   A,B
#
loop_
_chem_comp.id
_chem_comp.type
_chem_comp.name
_chem_comp.formula
FUC L-saccharide, alpha linking alpha-L-fucopyranose 'C6 H12 O5'
GAL D-saccharide, beta linking beta-D-galactopyranose 'C6 H12 O6'
NAG D-saccharide, beta linking 2-acetamido-2-deoxy-beta-D-glucopyranose 'C8 H15 N O6'
#
# COMPACT_ATOMS: atom_id res chain seq x y z
N GLY A 1 32.04 17.21 11.54
CA GLY A 1 30.97 17.56 10.55
C GLY A 1 29.94 18.47 11.18
N SER A 2 29.00 18.92 10.35
CA SER A 2 27.76 19.52 10.83
C SER A 2 26.72 18.46 11.17
N MET A 3 25.78 18.80 12.04
CA MET A 3 24.70 17.85 12.33
C MET A 3 23.88 17.56 11.07
N LEU A 4 23.49 18.60 10.37
CA LEU A 4 22.98 18.48 9.03
C LEU A 4 24.14 18.50 8.03
N ASP A 5 24.53 17.33 7.52
CA ASP A 5 25.75 17.23 6.76
C ASP A 5 25.39 17.04 5.26
N GLY A 6 25.80 17.99 4.43
CA GLY A 6 25.47 17.96 2.98
C GLY A 6 25.48 19.39 2.43
N PRO A 7 24.96 19.62 1.23
CA PRO A 7 24.42 18.59 0.34
C PRO A 7 25.49 17.75 -0.31
N TYR A 8 25.16 16.48 -0.50
CA TYR A 8 25.86 15.53 -1.31
C TYR A 8 25.21 15.35 -2.68
N GLN A 9 26.03 15.13 -3.70
CA GLN A 9 25.54 14.99 -5.07
C GLN A 9 24.98 13.58 -5.24
N PRO A 10 24.11 13.39 -6.22
CA PRO A 10 23.53 12.08 -6.48
C PRO A 10 24.55 11.01 -6.60
N THR A 11 24.32 9.89 -5.94
CA THR A 11 25.21 8.74 -6.09
C THR A 11 24.52 7.44 -5.67
N THR A 12 25.27 6.36 -5.78
CA THR A 12 24.84 5.08 -5.29
C THR A 12 25.69 4.67 -4.12
N PHE A 13 25.07 4.22 -3.02
CA PHE A 13 25.84 3.75 -1.86
C PHE A 13 25.04 2.85 -0.93
N THR A 14 25.73 2.21 0.02
CA THR A 14 25.08 1.42 1.02
C THR A 14 24.94 2.34 2.24
N PRO A 15 23.70 2.74 2.58
CA PRO A 15 23.57 3.71 3.70
C PRO A 15 24.05 3.14 5.01
N PRO A 16 24.65 3.97 5.85
CA PRO A 16 25.07 3.49 7.15
C PRO A 16 23.91 3.37 8.10
N SER A 17 23.93 2.42 9.02
CA SER A 17 22.87 2.36 10.02
C SER A 17 22.87 3.65 10.90
N ASP A 18 21.68 4.11 11.27
CA ASP A 18 21.44 5.14 12.27
C ASP A 18 21.71 6.54 11.82
N TYR A 19 21.56 6.77 10.52
CA TYR A 19 21.56 8.11 10.01
C TYR A 19 20.40 8.22 9.02
N TRP A 20 19.63 9.29 9.22
CA TRP A 20 18.66 9.74 8.25
C TRP A 20 19.35 10.25 7.00
N ILE A 21 18.85 9.80 5.85
CA ILE A 21 19.20 10.38 4.60
C ILE A 21 18.02 11.24 4.16
N LEU A 22 18.25 12.52 3.94
CA LEU A 22 17.25 13.50 3.70
C LEU A 22 17.49 14.02 2.28
N ILE A 23 16.56 13.77 1.35
CA ILE A 23 16.79 13.95 -0.06
C ILE A 23 15.97 15.13 -0.49
N ASN A 24 16.63 16.11 -1.08
CA ASN A 24 15.96 17.32 -1.60
C ASN A 24 15.55 17.08 -3.06
N SER A 25 14.30 16.65 -3.26
CA SER A 25 13.81 16.31 -4.58
C SER A 25 13.64 17.58 -5.40
N ASN A 26 14.27 17.60 -6.58
CA ASN A 26 14.30 18.80 -7.45
C ASN A 26 13.49 18.66 -8.75
N THR A 27 12.79 17.54 -8.91
CA THR A 27 12.08 17.27 -10.15
C THR A 27 11.11 16.13 -10.03
N ASN A 28 10.27 15.96 -11.05
CA ASN A 28 9.34 14.82 -11.10
C ASN A 28 10.11 13.60 -11.54
N GLY A 29 9.53 12.43 -11.40
CA GLY A 29 10.23 11.18 -11.73
C GLY A 29 10.81 10.46 -10.50
N VAL A 30 11.79 9.58 -10.75
CA VAL A 30 12.37 8.71 -9.72
C VAL A 30 13.28 9.56 -8.82
N VAL A 31 13.01 9.55 -7.51
CA VAL A 31 13.84 10.27 -6.54
C VAL A 31 14.94 9.35 -6.10
N TYR A 32 14.59 8.09 -5.81
CA TYR A 32 15.62 7.11 -5.43
C TYR A 32 15.13 5.72 -5.71
N GLU A 33 16.06 4.79 -5.81
CA GLU A 33 15.77 3.40 -6.00
C GLU A 33 16.56 2.63 -4.97
N SER A 34 15.93 1.74 -4.20
CA SER A 34 16.64 1.09 -3.10
C SER A 34 16.30 -0.39 -3.06
N THR A 35 17.32 -1.24 -3.02
CA THR A 35 17.05 -2.65 -3.03
C THR A 35 18.20 -3.39 -2.45
N ASN A 36 17.90 -4.60 -1.98
CA ASN A 36 18.94 -5.56 -1.64
C ASN A 36 18.94 -6.75 -2.62
N ASN A 37 18.17 -6.64 -3.71
CA ASN A 37 18.02 -7.68 -4.71
C ASN A 37 17.45 -9.03 -4.23
N SER A 38 16.90 -9.11 -3.01
CA SER A 38 16.33 -10.37 -2.50
C SER A 38 14.92 -10.20 -2.00
N ASP A 39 14.66 -9.27 -1.05
CA ASP A 39 13.30 -9.10 -0.52
C ASP A 39 12.78 -7.66 -0.34
N PHE A 40 13.50 -6.68 -0.91
CA PHE A 40 13.20 -5.29 -0.63
C PHE A 40 13.55 -4.47 -1.87
N TRP A 41 12.54 -3.87 -2.49
CA TRP A 41 12.68 -2.93 -3.59
C TRP A 41 11.75 -1.77 -3.28
N THR A 42 12.29 -0.61 -3.02
CA THR A 42 11.50 0.61 -2.92
C THR A 42 12.03 1.61 -3.89
N ALA A 43 11.13 2.19 -4.68
CA ALA A 43 11.42 3.36 -5.48
C ALA A 43 10.43 4.43 -5.13
N VAL A 44 10.90 5.65 -4.96
CA VAL A 44 10.04 6.76 -4.71
C VAL A 44 9.95 7.59 -6.00
N ILE A 45 8.68 7.87 -6.38
CA ILE A 45 8.27 8.67 -7.52
C ILE A 45 7.72 10.02 -7.06
N ALA A 46 8.24 11.09 -7.64
CA ALA A 46 7.80 12.42 -7.38
C ALA A 46 6.75 12.81 -8.43
N VAL A 47 5.67 13.41 -7.94
CA VAL A 47 4.51 13.79 -8.76
C VAL A 47 4.26 15.25 -8.38
N GLU A 48 4.35 16.12 -9.38
CA GLU A 48 4.22 17.57 -9.21
C GLU A 48 2.76 17.92 -8.86
N PRO A 49 2.50 19.14 -8.35
CA PRO A 49 1.14 19.48 -7.98
C PRO A 49 0.08 19.43 -9.11
N HIS A 50 -1.16 19.11 -8.78
CA HIS A 50 -2.34 19.12 -9.72
C HIS A 50 -2.15 18.26 -10.96
N VAL A 51 -1.92 16.98 -10.71
CA VAL A 51 -1.83 16.00 -11.77
C VAL A 51 -3.08 15.14 -11.66
N ASP A 52 -3.91 15.22 -12.68
CA ASP A 52 -5.04 14.31 -12.82
C ASP A 52 -4.57 12.92 -13.16
N PRO A 53 -5.38 11.88 -12.85
CA PRO A 53 -4.88 10.51 -12.99
C PRO A 53 -4.31 10.23 -14.38
N VAL A 54 -3.11 9.67 -14.43
CA VAL A 54 -2.33 9.50 -15.66
C VAL A 54 -1.38 8.35 -15.45
N ASP A 55 -1.20 7.59 -16.51
CA ASP A 55 -0.24 6.50 -16.52
C ASP A 55 1.09 7.08 -16.99
N ARG A 56 2.14 6.94 -16.18
CA ARG A 56 3.48 7.37 -16.58
C ARG A 56 4.50 6.23 -16.52
N GLN A 57 5.53 6.39 -17.34
CA GLN A 57 6.60 5.40 -17.46
C GLN A 57 7.78 5.85 -16.63
N TYR A 58 8.37 4.92 -15.89
CA TYR A 58 9.57 5.22 -15.12
C TYR A 58 10.47 4.06 -15.27
N ASN A 59 11.78 4.30 -15.26
CA ASN A 59 12.71 3.20 -15.25
C ASN A 59 13.16 2.93 -13.80
N VAL A 60 12.90 1.74 -13.28
CA VAL A 60 13.32 1.43 -11.90
C VAL A 60 13.97 0.07 -11.88
N PHE A 61 15.12 -0.02 -11.23
CA PHE A 61 15.88 -1.23 -11.15
C PHE A 61 16.11 -1.82 -12.55
N GLY A 62 16.41 -0.91 -13.49
CA GLY A 62 16.62 -1.20 -14.92
C GLY A 62 15.46 -1.92 -15.60
N GLU A 63 14.23 -1.48 -15.35
CA GLU A 63 13.01 -2.10 -15.87
C GLU A 63 12.10 -0.93 -16.13
N ASN A 64 11.54 -0.86 -17.34
CA ASN A 64 10.52 0.16 -17.66
C ASN A 64 9.23 -0.30 -16.95
N LYS A 65 8.62 0.56 -16.13
CA LYS A 65 7.37 0.23 -15.47
C LYS A 65 6.40 1.36 -15.69
N GLN A 66 5.11 1.04 -15.71
CA GLN A 66 4.04 1.99 -15.90
C GLN A 66 3.35 2.08 -14.57
N PHE A 67 3.28 3.29 -13.98
CA PHE A 67 2.52 3.54 -12.73
C PHE A 67 1.43 4.59 -12.97
N ASN A 68 0.22 4.35 -12.45
CA ASN A 68 -0.90 5.34 -12.52
C ASN A 68 -0.66 6.29 -11.39
N VAL A 69 -0.57 7.58 -11.68
CA VAL A 69 -0.28 8.55 -10.65
C VAL A 69 -1.32 9.68 -10.69
N ARG A 70 -1.55 10.30 -9.53
CA ARG A 70 -2.42 11.48 -9.42
C ARG A 70 -1.96 12.34 -8.27
N ASN A 71 -2.20 13.65 -8.32
CA ASN A 71 -1.94 14.49 -7.20
C ASN A 71 -2.94 15.63 -7.27
N ASP A 72 -3.83 15.72 -6.29
CA ASP A 72 -4.87 16.75 -6.29
C ASP A 72 -4.58 17.85 -5.29
N SER A 73 -3.33 17.99 -4.91
CA SER A 73 -2.90 18.96 -3.96
C SER A 73 -2.11 20.06 -4.66
N ASP A 74 -2.01 21.22 -4.02
CA ASP A 74 -0.94 22.18 -4.25
C ASP A 74 0.46 21.69 -3.90
N LYS A 75 0.57 20.71 -3.02
CA LYS A 75 1.88 20.19 -2.58
C LYS A 75 2.35 19.11 -3.54
N TRP A 76 3.65 18.80 -3.51
CA TRP A 76 4.18 17.67 -4.28
C TRP A 76 3.78 16.39 -3.58
N LYS A 77 3.72 15.28 -4.31
CA LYS A 77 3.38 14.00 -3.69
C LYS A 77 4.47 13.01 -4.05
N PHE A 78 4.91 12.22 -3.06
CA PHE A 78 5.92 11.23 -3.24
C PHE A 78 5.28 9.90 -2.98
N LEU A 79 5.39 8.98 -3.98
CA LEU A 79 4.79 7.64 -3.93
C LEU A 79 5.88 6.65 -3.67
N GLU A 80 5.74 5.90 -2.59
CA GLU A 80 6.61 4.76 -2.34
C GLU A 80 6.05 3.62 -3.14
N MET A 81 6.81 3.11 -4.10
CA MET A 81 6.41 1.91 -4.83
C MET A 81 7.28 0.81 -4.33
N PHE A 82 6.67 -0.31 -3.96
CA PHE A 82 7.35 -1.40 -3.29
C PHE A 82 7.07 -2.76 -3.99
N ARG A 83 8.08 -3.64 -4.00
CA ARG A 83 7.82 -5.08 -4.12
C ARG A 83 8.79 -5.79 -3.18
N GLY A 84 8.31 -6.86 -2.58
CA GLY A 84 9.04 -7.63 -1.61
C GLY A 84 9.60 -8.91 -2.23
N SER A 85 9.39 -9.12 -3.51
CA SER A 85 9.92 -10.29 -4.24
C SER A 85 10.05 -9.91 -5.70
N SER A 86 11.03 -10.51 -6.41
CA SER A 86 11.43 -10.07 -7.75
C SER A 86 10.33 -10.12 -8.81
N GLN A 87 9.51 -11.18 -8.75
CA GLN A 87 8.43 -11.42 -9.74
C GLN A 87 7.11 -10.64 -9.50
N ASN A 88 6.92 -10.06 -8.31
CA ASN A 88 5.68 -9.36 -7.97
C ASN A 88 5.64 -8.00 -8.64
N ASP A 89 4.43 -7.49 -8.86
CA ASP A 89 4.25 -6.18 -9.41
C ASP A 89 4.54 -5.20 -8.28
N PHE A 90 5.06 -4.03 -8.61
CA PHE A 90 5.16 -2.96 -7.64
C PHE A 90 3.77 -2.50 -7.28
N TYR A 91 3.59 -2.17 -6.01
CA TYR A 91 2.36 -1.52 -5.56
C TYR A 91 2.67 -0.27 -4.78
N ASN A 92 1.69 0.61 -4.70
CA ASN A 92 1.88 1.88 -4.03
C ASN A 92 1.65 1.72 -2.52
N ARG A 93 2.75 1.59 -1.79
CA ARG A 93 2.70 1.21 -0.37
C ARG A 93 2.38 2.36 0.59
N ARG A 94 2.88 3.56 0.28
CA ARG A 94 2.80 4.73 1.17
C ARG A 94 2.91 5.98 0.29
N THR A 95 2.39 7.12 0.79
CA THR A 95 2.57 8.39 0.12
C THR A 95 2.92 9.47 1.11
N LEU A 96 3.63 10.47 0.60
CA LEU A 96 4.04 11.58 1.41
C LEU A 96 3.70 12.80 0.57
N THR A 97 2.83 13.66 1.09
CA THR A 97 2.40 14.87 0.40
C THR A 97 3.04 16.02 1.13
N SER A 98 3.81 16.84 0.38
CA SER A 98 4.80 17.68 1.02
C SER A 98 4.98 19.00 0.27
N ASN A 99 4.96 20.07 1.03
CA ASN A 99 5.36 21.37 0.53
C ASN A 99 6.88 21.62 0.47
N THR A 100 7.70 20.78 1.12
CA THR A 100 9.15 21.07 1.32
C THR A 100 9.97 20.28 0.28
N ARG A 101 9.40 19.22 -0.28
CA ARG A 101 10.04 18.39 -1.28
C ARG A 101 11.20 17.64 -0.71
N LEU A 102 11.14 17.30 0.59
CA LEU A 102 12.17 16.49 1.28
C LEU A 102 11.61 15.12 1.64
N VAL A 103 12.39 14.09 1.38
CA VAL A 103 11.97 12.72 1.51
C VAL A 103 13.07 12.12 2.40
N GLY A 104 12.72 11.17 3.27
CA GLY A 104 13.66 10.65 4.29
C GLY A 104 13.68 9.13 4.22
N ILE A 105 14.86 8.57 4.40
CA ILE A 105 15.04 7.14 4.60
C ILE A 105 16.14 6.86 5.62
N LEU A 106 15.96 5.82 6.44
CA LEU A 106 16.84 5.55 7.56
C LEU A 106 16.89 4.04 7.72
N LYS A 107 18.09 3.52 7.93
CA LYS A 107 18.26 2.19 8.46
C LYS A 107 18.41 2.30 9.98
N TYR A 108 17.49 1.72 10.73
CA TYR A 108 17.53 1.72 12.18
C TYR A 108 16.78 0.53 12.81
N GLY A 109 17.46 -0.17 13.73
CA GLY A 109 16.86 -1.20 14.56
C GLY A 109 16.29 -2.33 13.73
N GLY A 110 17.09 -2.79 12.79
CA GLY A 110 16.70 -3.89 11.92
C GLY A 110 15.73 -3.57 10.80
N ARG A 111 15.27 -2.31 10.69
CA ARG A 111 14.21 -1.94 9.72
C ARG A 111 14.58 -0.67 8.91
N ILE A 112 13.86 -0.45 7.82
CA ILE A 112 13.97 0.79 7.08
C ILE A 112 12.81 1.68 7.51
N TRP A 113 13.08 2.94 7.77
CA TRP A 113 12.09 3.89 8.15
C TRP A 113 12.04 5.01 7.08
N THR A 114 10.82 5.55 6.85
CA THR A 114 10.54 6.58 5.89
C THR A 114 9.47 7.43 6.46
N PHE A 115 9.36 8.66 5.97
CA PHE A 115 8.28 9.54 6.33
C PHE A 115 7.13 9.40 5.33
N HIS A 116 5.90 9.49 5.87
CA HIS A 116 4.68 9.53 5.09
C HIS A 116 3.67 10.44 5.77
N GLY A 117 2.55 10.64 5.09
CA GLY A 117 1.44 11.46 5.58
C GLY A 117 1.47 12.75 4.80
N GLU A 118 1.22 13.86 5.49
CA GLU A 118 1.15 15.14 4.85
C GLU A 118 1.78 16.20 5.74
N THR A 119 2.74 16.96 5.21
CA THR A 119 3.37 18.07 5.92
C THR A 119 2.27 19.04 6.39
N PRO A 120 2.39 19.68 7.54
CA PRO A 120 3.54 19.65 8.42
C PRO A 120 3.40 18.61 9.54
N ARG A 121 2.59 17.56 9.32
CA ARG A 121 2.35 16.52 10.33
C ARG A 121 2.79 15.13 9.82
N ALA A 122 3.79 15.07 8.94
CA ALA A 122 4.27 13.80 8.38
C ALA A 122 4.93 13.05 9.50
N THR A 123 4.80 11.73 9.47
CA THR A 123 5.28 10.90 10.55
C THR A 123 6.11 9.76 9.94
N THR A 124 6.69 8.86 10.76
CA THR A 124 7.58 7.82 10.28
C THR A 124 6.84 6.50 10.34
N ASP A 125 7.35 5.55 9.55
CA ASP A 125 6.85 4.18 9.56
C ASP A 125 7.98 3.24 9.14
N SER A 126 7.87 1.99 9.54
CA SER A 126 8.89 1.03 9.29
C SER A 126 8.50 -0.06 8.29
N SER A 127 9.53 -0.58 7.67
CA SER A 127 9.41 -1.69 6.70
C SER A 127 10.42 -2.75 7.07
N ASN A 128 9.99 -4.01 7.09
CA ASN A 128 10.82 -5.13 7.45
C ASN A 128 11.66 -5.67 6.28
N THR A 129 12.75 -6.37 6.60
CA THR A 129 13.55 -7.04 5.60
C THR A 129 14.38 -8.10 6.33
N ALA A 130 14.74 -9.16 5.63
CA ALA A 130 15.68 -10.15 6.18
C ALA A 130 17.13 -9.91 5.70
N ASN A 131 17.40 -8.76 5.09
CA ASN A 131 18.74 -8.40 4.61
C ASN A 131 18.91 -6.91 4.53
N LEU A 132 19.07 -6.34 5.70
CA LEU A 132 19.11 -4.93 5.90
C LEU A 132 20.39 -4.31 5.41
N ASN A 133 21.52 -4.97 5.66
CA ASN A 133 22.84 -4.49 5.21
C ASN A 133 23.06 -4.53 3.74
N GLY A 134 22.46 -5.51 3.07
CA GLY A 134 22.47 -5.58 1.62
C GLY A 134 21.69 -4.49 0.88
N ILE A 135 20.90 -3.69 1.59
CA ILE A 135 20.14 -2.62 0.95
C ILE A 135 21.12 -1.51 0.56
N SER A 136 21.12 -1.18 -0.73
CA SER A 136 21.85 -0.07 -1.33
C SER A 136 20.80 0.89 -1.87
N ILE A 137 21.23 2.10 -2.14
CA ILE A 137 20.38 3.11 -2.69
C ILE A 137 21.07 3.92 -3.80
N THR A 138 20.31 4.22 -4.85
CA THR A 138 20.74 5.14 -5.88
C THR A 138 19.84 6.32 -5.72
N ILE A 139 20.41 7.48 -5.45
CA ILE A 139 19.63 8.67 -5.12
C ILE A 139 19.90 9.60 -6.32
N HIS A 140 18.84 10.18 -6.89
CA HIS A 140 19.00 11.00 -8.06
C HIS A 140 18.94 12.48 -7.79
N SER A 141 18.81 12.91 -6.54
CA SER A 141 18.94 14.31 -6.21
C SER A 141 19.94 14.50 -5.06
N GLU A 142 20.30 15.76 -4.80
CA GLU A 142 21.09 16.14 -3.65
C GLU A 142 20.45 15.60 -2.35
N PHE A 143 21.32 15.24 -1.41
CA PHE A 143 20.89 14.75 -0.11
C PHE A 143 21.79 15.14 1.04
N TYR A 144 21.23 14.95 2.26
CA TYR A 144 21.88 15.29 3.50
C TYR A 144 21.85 14.10 4.39
N ILE A 145 22.76 14.12 5.38
CA ILE A 145 22.88 13.08 6.39
C ILE A 145 22.78 13.70 7.77
N ILE A 146 21.93 13.13 8.66
CA ILE A 146 21.66 13.64 10.01
C ILE A 146 21.53 12.41 10.91
N PRO A 147 22.16 12.41 12.09
CA PRO A 147 22.12 11.20 12.90
C PRO A 147 20.70 10.94 13.40
N ARG A 148 20.36 9.67 13.58
CA ARG A 148 19.03 9.28 14.09
C ARG A 148 18.70 9.98 15.43
N SER A 149 19.71 10.11 16.30
CA SER A 149 19.60 10.82 17.54
C SER A 149 19.10 12.25 17.42
N GLN A 150 19.22 12.84 16.25
CA GLN A 150 18.63 14.15 15.98
C GLN A 150 17.44 14.12 15.04
N GLU A 151 16.63 13.08 15.19
CA GLU A 151 15.42 12.91 14.44
C GLU A 151 14.50 14.08 14.64
N SER A 152 14.46 14.61 15.83
CA SER A 152 13.65 15.82 16.08
C SER A 152 13.89 16.90 14.97
N LYS A 153 15.16 17.12 14.62
CA LYS A 153 15.56 18.08 13.60
C LYS A 153 15.16 17.59 12.23
N CYS A 154 15.46 16.33 11.96
CA CYS A 154 15.04 15.70 10.70
C CYS A 154 13.53 15.90 10.45
N ASN A 155 12.73 15.73 11.50
CA ASN A 155 11.31 15.83 11.41
C ASN A 155 10.93 17.28 11.10
N GLU A 156 11.52 18.20 11.85
CA GLU A 156 11.41 19.61 11.54
C GLU A 156 11.78 19.95 10.09
N TYR A 157 12.91 19.47 9.58
CA TYR A 157 13.22 19.68 8.15
C TYR A 157 12.22 19.05 7.19
N ILE A 158 11.83 17.79 7.39
CA ILE A 158 10.81 17.17 6.54
C ILE A 158 9.50 18.01 6.51
N ASN A 159 9.15 18.52 7.68
CA ASN A 159 7.83 19.13 7.85
C ASN A 159 7.78 20.61 7.59
N ASN A 160 8.86 21.32 7.84
CA ASN A 160 8.91 22.80 7.62
C ASN A 160 10.00 23.27 6.67
N GLY A 161 10.91 22.40 6.26
CA GLY A 161 11.90 22.74 5.24
C GLY A 161 13.27 23.07 5.78
N LEU A 162 14.23 23.15 4.85
CA LEU A 162 15.53 23.74 5.12
C LEU A 162 15.38 25.27 4.98
N MET B 3 -7.57 11.40 8.32
CA MET B 3 -7.58 10.40 9.42
C MET B 3 -7.23 8.98 8.93
N LEU B 4 -6.66 8.86 7.73
CA LEU B 4 -6.03 7.62 7.27
C LEU B 4 -4.93 7.14 8.23
N ASP B 5 -5.11 5.93 8.76
CA ASP B 5 -4.18 5.39 9.70
C ASP B 5 -3.57 4.08 9.12
N GLY B 6 -2.27 3.94 9.24
CA GLY B 6 -1.56 2.76 8.73
C GLY B 6 -0.38 3.19 7.86
N PRO B 7 0.20 2.30 7.05
CA PRO B 7 -0.22 0.90 6.91
C PRO B 7 0.14 0.04 8.10
N TYR B 8 -0.63 -1.02 8.31
CA TYR B 8 -0.37 -2.00 9.34
C TYR B 8 -0.06 -3.31 8.62
N GLN B 9 0.84 -4.08 9.20
CA GLN B 9 1.24 -5.35 8.65
C GLN B 9 0.16 -6.45 8.75
N PRO B 10 0.29 -7.48 7.91
CA PRO B 10 -0.72 -8.55 7.93
C PRO B 10 -1.02 -9.03 9.33
N THR B 11 -2.32 -9.19 9.68
CA THR B 11 -2.71 -9.66 11.01
C THR B 11 -4.16 -10.15 11.01
N THR B 12 -4.59 -10.63 12.17
CA THR B 12 -5.93 -11.06 12.43
C THR B 12 -6.56 -10.23 13.52
N PHE B 13 -7.83 -9.85 13.30
CA PHE B 13 -8.59 -9.11 14.30
C PHE B 13 -10.07 -9.15 14.04
N THR B 14 -10.83 -8.70 15.01
CA THR B 14 -12.26 -8.44 14.85
C THR B 14 -12.43 -7.04 14.31
N PRO B 15 -13.02 -6.87 13.10
CA PRO B 15 -13.17 -5.50 12.59
C PRO B 15 -13.96 -4.61 13.55
N PRO B 16 -13.52 -3.37 13.72
CA PRO B 16 -14.25 -2.45 14.60
C PRO B 16 -15.44 -1.85 13.92
N SER B 17 -16.45 -1.49 14.72
CA SER B 17 -17.62 -0.79 14.18
C SER B 17 -17.18 0.59 13.71
N ASP B 18 -17.71 1.03 12.56
CA ASP B 18 -17.56 2.42 12.10
C ASP B 18 -16.16 2.85 11.67
N TYR B 19 -15.33 1.90 11.28
CA TYR B 19 -14.11 2.20 10.52
C TYR B 19 -13.96 1.36 9.29
N TRP B 20 -13.63 2.00 8.17
CA TRP B 20 -13.25 1.25 6.96
C TRP B 20 -11.86 0.68 7.08
N ILE B 21 -11.73 -0.58 6.68
CA ILE B 21 -10.44 -1.21 6.54
C ILE B 21 -10.17 -1.21 5.04
N LEU B 22 -9.10 -0.54 4.65
CA LEU B 22 -8.63 -0.43 3.25
C LEU B 22 -7.36 -1.28 3.05
N ILE B 23 -7.52 -2.43 2.38
CA ILE B 23 -6.43 -3.40 2.24
C ILE B 23 -5.67 -3.08 0.97
N ASN B 24 -4.35 -2.91 1.13
CA ASN B 24 -3.46 -2.54 0.02
C ASN B 24 -2.91 -3.82 -0.57
N SER B 25 -3.67 -4.41 -1.48
CA SER B 25 -3.31 -5.74 -2.05
C SER B 25 -1.96 -5.70 -2.79
N ASN B 26 -1.10 -6.65 -2.47
CA ASN B 26 0.26 -6.67 -3.00
C ASN B 26 0.57 -7.79 -3.97
N THR B 27 -0.22 -8.87 -3.99
CA THR B 27 0.07 -9.97 -4.92
C THR B 27 -1.23 -10.65 -5.36
N ASN B 28 -1.14 -11.63 -6.25
CA ASN B 28 -2.28 -12.42 -6.61
C ASN B 28 -2.43 -13.39 -5.42
N GLY B 29 -3.50 -14.15 -5.31
CA GLY B 29 -3.69 -15.02 -4.11
C GLY B 29 -4.77 -14.49 -3.14
N VAL B 30 -4.80 -15.05 -1.92
CA VAL B 30 -5.80 -14.67 -0.91
C VAL B 30 -5.44 -13.29 -0.31
N VAL B 31 -6.39 -12.35 -0.42
CA VAL B 31 -6.23 -11.02 0.15
C VAL B 31 -6.62 -10.98 1.66
N TYR B 32 -7.74 -11.61 1.99
CA TYR B 32 -8.23 -11.75 3.33
C TYR B 32 -9.19 -12.91 3.41
N GLU B 33 -9.34 -13.44 4.60
CA GLU B 33 -10.36 -14.43 4.95
C GLU B 33 -11.10 -13.90 6.19
N SER B 34 -12.42 -13.84 6.10
CA SER B 34 -13.29 -13.37 7.15
C SER B 34 -14.43 -14.37 7.45
N THR B 35 -14.57 -14.79 8.69
CA THR B 35 -15.67 -15.64 9.10
C THR B 35 -16.05 -15.46 10.57
N ASN B 36 -17.31 -15.74 10.86
CA ASN B 36 -17.82 -15.98 12.22
C ASN B 36 -18.03 -17.47 12.52
N ASN B 37 -17.57 -18.38 11.64
CA ASN B 37 -17.78 -19.84 11.80
C ASN B 37 -19.24 -20.34 11.87
N SER B 38 -20.22 -19.51 11.47
CA SER B 38 -21.64 -19.88 11.57
C SER B 38 -22.36 -19.64 10.26
N ASP B 39 -22.53 -18.39 9.87
CA ASP B 39 -23.31 -18.13 8.66
C ASP B 39 -22.63 -17.21 7.65
N PHE B 40 -21.32 -16.96 7.81
CA PHE B 40 -20.60 -15.94 7.00
C PHE B 40 -19.14 -16.34 6.82
N TRP B 41 -18.77 -16.53 5.55
CA TRP B 41 -17.39 -16.86 5.15
C TRP B 41 -17.13 -16.10 3.91
N THR B 42 -16.29 -15.08 3.97
CA THR B 42 -15.80 -14.38 2.76
C THR B 42 -14.28 -14.48 2.61
N ALA B 43 -13.84 -14.95 1.45
CA ALA B 43 -12.44 -14.85 1.01
C ALA B 43 -12.36 -14.03 -0.24
N VAL B 44 -11.51 -13.00 -0.26
CA VAL B 44 -11.22 -12.26 -1.47
C VAL B 44 -9.91 -12.80 -2.08
N ILE B 45 -10.01 -13.20 -3.35
CA ILE B 45 -8.93 -13.72 -4.15
C ILE B 45 -8.58 -12.63 -5.14
N ALA B 46 -7.28 -12.32 -5.24
CA ALA B 46 -6.77 -11.36 -6.26
C ALA B 46 -6.34 -12.09 -7.53
N VAL B 47 -6.85 -11.63 -8.67
CA VAL B 47 -6.51 -12.18 -10.02
C VAL B 47 -5.83 -11.07 -10.84
N GLU B 48 -4.58 -11.30 -11.25
CA GLU B 48 -3.80 -10.23 -11.95
C GLU B 48 -4.35 -9.97 -13.37
N PRO B 49 -3.94 -8.87 -14.04
CA PRO B 49 -4.45 -8.69 -15.42
C PRO B 49 -4.12 -9.83 -16.36
N HIS B 50 -4.93 -9.98 -17.40
CA HIS B 50 -4.74 -10.89 -18.54
C HIS B 50 -4.40 -12.26 -18.09
N VAL B 51 -5.38 -12.92 -17.47
CA VAL B 51 -5.22 -14.29 -17.03
C VAL B 51 -6.24 -15.08 -17.83
N ASP B 52 -5.74 -16.05 -18.61
CA ASP B 52 -6.60 -16.93 -19.40
C ASP B 52 -7.23 -17.88 -18.38
N PRO B 53 -8.44 -18.41 -18.68
CA PRO B 53 -9.14 -19.32 -17.76
C PRO B 53 -8.20 -20.40 -17.22
N VAL B 54 -8.27 -20.63 -15.92
CA VAL B 54 -7.35 -21.55 -15.25
C VAL B 54 -7.87 -21.90 -13.86
N ASP B 55 -7.57 -23.12 -13.43
CA ASP B 55 -7.87 -23.56 -12.06
C ASP B 55 -6.68 -23.29 -11.15
N ARG B 56 -6.90 -22.48 -10.13
CA ARG B 56 -5.84 -22.15 -9.16
C ARG B 56 -6.23 -22.74 -7.78
N GLN B 57 -5.23 -23.09 -6.97
CA GLN B 57 -5.40 -23.59 -5.61
C GLN B 57 -5.20 -22.43 -4.63
N TYR B 58 -6.02 -22.39 -3.59
CA TYR B 58 -5.92 -21.39 -2.51
C TYR B 58 -6.25 -22.07 -1.18
N ASN B 59 -5.58 -21.67 -0.12
CA ASN B 59 -5.90 -22.15 1.18
C ASN B 59 -6.74 -21.09 1.87
N VAL B 60 -8.03 -21.39 2.04
CA VAL B 60 -8.93 -20.48 2.81
C VAL B 60 -9.54 -21.21 4.00
N PHE B 61 -9.42 -20.58 5.17
CA PHE B 61 -9.99 -21.08 6.41
C PHE B 61 -9.43 -22.46 6.74
N GLY B 62 -8.15 -22.68 6.42
CA GLY B 62 -7.49 -23.96 6.62
C GLY B 62 -7.86 -25.03 5.58
N GLU B 63 -8.55 -24.65 4.51
CA GLU B 63 -9.09 -25.60 3.54
C GLU B 63 -8.51 -25.31 2.15
N ASN B 64 -8.10 -26.38 1.47
CA ASN B 64 -7.59 -26.29 0.12
C ASN B 64 -8.75 -26.25 -0.80
N LYS B 65 -8.84 -25.18 -1.56
CA LYS B 65 -9.94 -24.96 -2.47
C LYS B 65 -9.41 -24.66 -3.84
N GLN B 66 -10.08 -25.21 -4.84
CA GLN B 66 -9.77 -24.93 -6.23
C GLN B 66 -10.80 -23.96 -6.76
N PHE B 67 -10.36 -22.89 -7.42
CA PHE B 67 -11.31 -22.00 -8.12
C PHE B 67 -10.88 -21.80 -9.55
N ASN B 68 -11.86 -21.71 -10.43
CA ASN B 68 -11.62 -21.47 -11.84
C ASN B 68 -11.68 -19.96 -12.07
N VAL B 69 -10.56 -19.39 -12.51
CA VAL B 69 -10.26 -17.94 -12.47
C VAL B 69 -9.98 -17.38 -13.88
N ARG B 70 -10.36 -16.13 -14.16
CA ARG B 70 -10.06 -15.47 -15.48
C ARG B 70 -10.23 -13.96 -15.39
N ASN B 71 -9.37 -13.25 -16.12
CA ASN B 71 -9.38 -11.78 -16.12
C ASN B 71 -8.90 -11.37 -17.51
N ASP B 72 -9.85 -10.99 -18.37
CA ASP B 72 -9.58 -10.42 -19.71
C ASP B 72 -9.08 -8.95 -19.67
N SER B 73 -9.19 -8.30 -18.52
CA SER B 73 -8.95 -6.85 -18.47
C SER B 73 -7.53 -6.50 -18.13
N ASP B 74 -7.28 -5.20 -18.32
CA ASP B 74 -6.05 -4.53 -17.94
C ASP B 74 -5.95 -4.23 -16.42
N LYS B 75 -7.06 -4.45 -15.71
CA LYS B 75 -7.15 -4.21 -14.27
C LYS B 75 -7.05 -5.48 -13.46
N TRP B 76 -6.75 -5.32 -12.19
CA TRP B 76 -6.89 -6.43 -11.24
C TRP B 76 -8.37 -6.71 -10.97
N LYS B 77 -8.66 -7.97 -10.69
CA LYS B 77 -9.98 -8.37 -10.27
C LYS B 77 -9.86 -8.96 -8.89
N PHE B 78 -10.74 -8.49 -8.01
CA PHE B 78 -10.84 -8.97 -6.60
C PHE B 78 -12.19 -9.68 -6.46
N LEU B 79 -12.10 -10.99 -6.39
CA LEU B 79 -13.27 -11.84 -6.37
C LEU B 79 -13.70 -12.12 -4.91
N GLU B 80 -14.90 -11.71 -4.50
CA GLU B 80 -15.47 -12.12 -3.17
C GLU B 80 -16.06 -13.52 -3.24
N MET B 81 -15.36 -14.49 -2.69
CA MET B 81 -15.87 -15.86 -2.57
C MET B 81 -16.57 -16.01 -1.21
N PHE B 82 -17.84 -16.37 -1.29
CA PHE B 82 -18.71 -16.44 -0.14
C PHE B 82 -19.35 -17.84 -0.02
N ARG B 83 -19.53 -18.30 1.19
CA ARG B 83 -20.52 -19.34 1.54
C ARG B 83 -21.20 -18.92 2.83
N GLY B 84 -22.46 -19.35 2.94
CA GLY B 84 -23.33 -19.06 4.07
C GLY B 84 -23.42 -20.15 5.14
N SER B 85 -22.79 -21.31 4.95
CA SER B 85 -22.69 -22.31 6.01
C SER B 85 -21.37 -23.02 5.79
N SER B 86 -20.88 -23.79 6.76
CA SER B 86 -19.63 -24.50 6.60
C SER B 86 -19.60 -25.56 5.46
N GLN B 87 -20.75 -26.10 5.05
CA GLN B 87 -20.78 -27.15 4.01
C GLN B 87 -21.17 -26.64 2.62
N ASN B 88 -21.67 -25.42 2.52
CA ASN B 88 -22.04 -24.88 1.25
C ASN B 88 -20.79 -24.59 0.41
N ASP B 89 -20.97 -24.61 -0.90
CA ASP B 89 -19.86 -24.28 -1.80
C ASP B 89 -19.61 -22.78 -1.78
N PHE B 90 -18.35 -22.38 -1.99
CA PHE B 90 -18.05 -20.97 -2.29
C PHE B 90 -18.57 -20.63 -3.66
N TYR B 91 -19.06 -19.41 -3.82
CA TYR B 91 -19.40 -18.87 -5.12
C TYR B 91 -18.95 -17.42 -5.15
N ASN B 92 -18.72 -16.93 -6.36
CA ASN B 92 -18.25 -15.59 -6.59
C ASN B 92 -19.43 -14.66 -6.42
N ARG B 93 -19.60 -14.12 -5.22
CA ARG B 93 -20.70 -13.20 -4.95
C ARG B 93 -20.51 -11.88 -5.68
N ARG B 94 -19.62 -11.04 -5.16
CA ARG B 94 -19.34 -9.74 -5.77
C ARG B 94 -18.03 -9.77 -6.55
N THR B 95 -17.67 -8.63 -7.13
CA THR B 95 -16.44 -8.52 -7.91
C THR B 95 -15.99 -7.08 -8.05
N LEU B 96 -14.79 -6.80 -7.57
CA LEU B 96 -14.23 -5.45 -7.64
C LEU B 96 -13.13 -5.49 -8.69
N THR B 97 -13.27 -4.67 -9.73
CA THR B 97 -12.32 -4.61 -10.84
C THR B 97 -11.62 -3.26 -10.66
N SER B 98 -10.29 -3.28 -10.47
CA SER B 98 -9.56 -2.12 -9.93
C SER B 98 -8.12 -1.98 -10.42
N ASN B 99 -7.71 -0.76 -10.78
CA ASN B 99 -6.31 -0.45 -11.04
C ASN B 99 -5.59 0.04 -9.78
N THR B 100 -6.35 0.39 -8.73
CA THR B 100 -5.76 0.89 -7.49
C THR B 100 -5.35 -0.23 -6.54
N ARG B 101 -5.95 -1.42 -6.69
CA ARG B 101 -5.64 -2.59 -5.85
C ARG B 101 -5.95 -2.44 -4.33
N LEU B 102 -6.80 -1.45 -3.98
CA LEU B 102 -7.36 -1.27 -2.66
C LEU B 102 -8.75 -1.93 -2.54
N VAL B 103 -8.89 -2.77 -1.55
CA VAL B 103 -10.12 -3.52 -1.26
C VAL B 103 -10.64 -3.01 0.06
N GLY B 104 -11.97 -2.85 0.17
CA GLY B 104 -12.57 -2.23 1.35
C GLY B 104 -13.53 -3.09 2.14
N ILE B 105 -13.46 -2.97 3.48
CA ILE B 105 -14.41 -3.67 4.40
C ILE B 105 -14.81 -2.80 5.56
N LEU B 106 -16.12 -2.77 5.86
CA LEU B 106 -16.68 -1.98 6.96
C LEU B 106 -17.80 -2.74 7.70
N LYS B 107 -17.67 -2.81 9.04
CA LYS B 107 -18.76 -3.23 9.92
C LYS B 107 -19.55 -2.00 10.32
N TYR B 108 -20.82 -1.94 9.92
CA TYR B 108 -21.69 -0.78 10.21
C TYR B 108 -23.15 -1.12 9.95
N GLY B 109 -24.03 -0.51 10.77
CA GLY B 109 -25.50 -0.61 10.52
C GLY B 109 -26.07 -2.04 10.51
N GLY B 110 -25.56 -2.91 11.37
CA GLY B 110 -25.95 -4.33 11.40
C GLY B 110 -25.42 -5.21 10.26
N ARG B 111 -24.56 -4.65 9.41
CA ARG B 111 -24.05 -5.32 8.21
C ARG B 111 -22.53 -5.15 7.99
N ILE B 112 -22.03 -5.98 7.08
CA ILE B 112 -20.72 -5.88 6.50
C ILE B 112 -20.82 -5.27 5.12
N TRP B 113 -20.11 -4.14 4.93
CA TRP B 113 -20.07 -3.36 3.70
C TRP B 113 -18.74 -3.57 2.98
N THR B 114 -18.80 -3.77 1.65
CA THR B 114 -17.64 -3.86 0.75
C THR B 114 -17.85 -3.03 -0.54
N PHE B 115 -16.76 -2.73 -1.24
CA PHE B 115 -16.84 -2.09 -2.56
C PHE B 115 -16.92 -3.12 -3.67
N HIS B 116 -17.70 -2.80 -4.68
CA HIS B 116 -17.74 -3.66 -5.90
C HIS B 116 -17.95 -2.78 -7.13
N GLY B 117 -17.88 -3.42 -8.30
CA GLY B 117 -18.04 -2.67 -9.55
C GLY B 117 -16.67 -2.45 -10.13
N GLU B 118 -16.49 -1.32 -10.79
CA GLU B 118 -15.24 -1.02 -11.51
C GLU B 118 -14.76 0.38 -11.22
N THR B 119 -13.50 0.47 -10.77
CA THR B 119 -12.83 1.76 -10.61
C THR B 119 -12.83 2.47 -11.97
N PRO B 120 -13.00 3.79 -11.98
CA PRO B 120 -13.15 4.64 -10.81
C PRO B 120 -14.63 4.90 -10.32
N ARG B 121 -15.55 3.98 -10.58
CA ARG B 121 -16.99 4.11 -10.22
C ARG B 121 -17.44 2.96 -9.31
N ALA B 122 -16.52 2.45 -8.48
CA ALA B 122 -16.83 1.40 -7.51
C ALA B 122 -17.76 1.90 -6.41
N THR B 123 -18.64 1.03 -5.95
CA THR B 123 -19.63 1.44 -4.95
C THR B 123 -19.73 0.39 -3.84
N THR B 124 -20.39 0.78 -2.75
CA THR B 124 -20.54 -0.09 -1.54
C THR B 124 -21.76 -0.96 -1.70
N ASP B 125 -21.75 -2.10 -1.05
CA ASP B 125 -22.86 -3.03 -1.05
C ASP B 125 -22.83 -3.71 0.31
N SER B 126 -23.98 -4.11 0.85
CA SER B 126 -24.02 -4.70 2.18
C SER B 126 -24.35 -6.16 2.17
N SER B 127 -23.95 -6.81 3.24
CA SER B 127 -24.16 -8.23 3.44
C SER B 127 -24.63 -8.43 4.85
N ASN B 128 -25.59 -9.35 4.99
CA ASN B 128 -26.19 -9.68 6.27
C ASN B 128 -25.61 -10.88 6.99
N THR B 129 -25.91 -10.94 8.30
CA THR B 129 -25.45 -12.00 9.16
C THR B 129 -26.23 -11.96 10.47
N ALA B 130 -26.45 -13.14 11.03
CA ALA B 130 -27.06 -13.29 12.34
C ALA B 130 -26.00 -13.24 13.48
N ASN B 131 -24.71 -13.07 13.15
CA ASN B 131 -23.62 -12.98 14.13
C ASN B 131 -22.55 -11.98 13.63
N LEU B 132 -22.91 -10.71 13.65
CA LEU B 132 -22.05 -9.68 13.16
C LEU B 132 -20.70 -9.55 13.92
N ASN B 133 -20.75 -9.43 15.25
CA ASN B 133 -19.57 -9.21 16.10
C ASN B 133 -18.71 -10.47 16.26
N GLY B 134 -19.23 -11.61 15.85
CA GLY B 134 -18.46 -12.84 15.80
C GLY B 134 -17.53 -12.96 14.58
N ILE B 135 -17.62 -12.05 13.62
CA ILE B 135 -16.77 -12.03 12.44
C ILE B 135 -15.36 -11.49 12.75
N SER B 136 -14.40 -12.36 12.44
CA SER B 136 -12.98 -12.12 12.53
C SER B 136 -12.37 -12.10 11.09
N ILE B 137 -11.30 -11.32 10.90
CA ILE B 137 -10.66 -11.17 9.60
C ILE B 137 -9.17 -11.42 9.72
N THR B 138 -8.64 -12.26 8.83
CA THR B 138 -7.22 -12.46 8.67
C THR B 138 -6.87 -11.80 7.36
N ILE B 139 -6.10 -10.72 7.46
CA ILE B 139 -5.68 -9.96 6.27
C ILE B 139 -4.25 -10.31 5.86
N HIS B 140 -4.04 -10.64 4.60
CA HIS B 140 -2.73 -11.15 4.11
C HIS B 140 -1.79 -10.05 3.53
N SER B 141 -2.25 -8.82 3.46
CA SER B 141 -1.49 -7.73 2.91
C SER B 141 -1.52 -6.62 3.96
N GLU B 142 -0.88 -5.50 3.67
CA GLU B 142 -0.91 -4.38 4.58
C GLU B 142 -2.26 -3.72 4.41
N PHE B 143 -2.59 -2.83 5.34
CA PHE B 143 -3.89 -2.20 5.31
C PHE B 143 -3.87 -0.92 6.06
N TYR B 144 -4.83 -0.09 5.72
CA TYR B 144 -5.05 1.17 6.39
C TYR B 144 -6.45 1.11 7.01
N ILE B 145 -6.72 2.08 7.88
CA ILE B 145 -7.96 2.18 8.63
C ILE B 145 -8.43 3.63 8.61
N ILE B 146 -9.69 3.84 8.29
CA ILE B 146 -10.18 5.21 8.23
C ILE B 146 -11.60 5.21 8.84
N PRO B 147 -11.93 6.25 9.64
CA PRO B 147 -13.24 6.33 10.21
C PRO B 147 -14.32 6.43 9.13
N ARG B 148 -15.48 5.81 9.39
CA ARG B 148 -16.63 5.94 8.50
C ARG B 148 -17.11 7.39 8.31
N SER B 149 -16.88 8.28 9.27
CA SER B 149 -17.10 9.74 9.03
C SER B 149 -16.28 10.31 7.83
N GLN B 150 -15.18 9.66 7.46
CA GLN B 150 -14.45 10.02 6.24
C GLN B 150 -14.76 9.03 5.07
N GLU B 151 -15.99 8.56 4.93
CA GLU B 151 -16.30 7.61 3.84
C GLU B 151 -16.01 8.23 2.41
N SER B 152 -16.26 9.51 2.24
CA SER B 152 -15.94 10.20 1.00
C SER B 152 -14.44 9.98 0.62
N LYS B 153 -13.52 10.11 1.58
CA LYS B 153 -12.09 9.83 1.36
C LYS B 153 -11.84 8.36 1.09
N CYS B 154 -12.46 7.47 1.86
CA CYS B 154 -12.36 6.03 1.58
C CYS B 154 -12.74 5.72 0.12
N ASN B 155 -13.81 6.36 -0.35
CA ASN B 155 -14.33 6.17 -1.71
C ASN B 155 -13.35 6.66 -2.82
N GLU B 156 -12.83 7.86 -2.62
CA GLU B 156 -11.75 8.42 -3.45
C GLU B 156 -10.54 7.51 -3.54
N TYR B 157 -10.11 6.90 -2.41
CA TYR B 157 -8.92 6.05 -2.37
C TYR B 157 -9.22 4.74 -3.07
N ILE B 158 -10.37 4.14 -2.77
CA ILE B 158 -10.79 2.90 -3.47
C ILE B 158 -10.75 3.08 -4.99
N ASN B 159 -11.26 4.23 -5.41
CA ASN B 159 -11.46 4.52 -6.83
C ASN B 159 -10.33 5.20 -7.59
N ASN B 160 -9.44 5.89 -6.89
CA ASN B 160 -8.35 6.70 -7.52
C ASN B 160 -6.94 6.49 -6.93
N GLY B 161 -6.83 5.78 -5.79
CA GLY B 161 -5.55 5.42 -5.20
C GLY B 161 -5.23 6.36 -4.05
N LEU B 162 -4.21 5.98 -3.28
CA LEU B 162 -3.63 6.84 -2.27
C LEU B 162 -3.17 8.15 -2.93
C1 NAG C . 10.88 4.71 16.95
C2 NAG C . 10.64 6.13 17.43
C3 NAG C . 10.25 7.04 16.26
C4 NAG C . 11.22 6.88 15.10
C5 NAG C . 11.44 5.41 14.77
C6 NAG C . 12.47 5.25 13.65
C7 NAG C . 9.89 6.05 19.74
C8 NAG C . 8.71 5.87 20.65
N2 NAG C . 9.60 6.15 18.44
O1 NAG C . 11.34 3.92 18.05
O3 NAG C . 10.24 8.40 16.70
O4 NAG C . 10.71 7.56 13.95
O5 NAG C . 11.88 4.72 15.93
O6 NAG C . 13.67 5.95 14.02
O7 NAG C . 11.03 6.10 20.16
C1 GAL C . 8.87 8.85 16.76
C2 GAL C . 8.77 10.06 17.71
C3 GAL C . 7.34 10.56 17.80
C4 GAL C . 6.74 10.75 16.40
C5 GAL C . 6.96 9.50 15.55
C6 GAL C . 6.42 9.71 14.13
O2 GAL C . 9.23 9.68 19.01
O3 GAL C . 7.32 11.81 18.49
O4 GAL C . 7.35 11.87 15.77
O5 GAL C . 8.35 9.20 15.49
O6 GAL C . 6.15 8.44 13.53
C1 FUC C . 10.13 10.86 19.41
C2 FUC C . 10.43 10.67 20.90
C3 FUC C . 11.19 9.36 21.13
C4 FUC C . 12.38 9.26 20.18
C5 FUC C . 11.97 9.53 18.74
C6 FUC C . 13.17 9.50 17.81
O2 FUC C . 9.20 10.64 21.63
O3 FUC C . 11.65 9.32 22.49
O4 FUC C . 13.40 10.19 20.58
O5 FUC C . 11.35 10.82 18.67
#